data_6J9M
#
_entry.id   6J9M
#
_cell.length_a   46.385
_cell.length_b   81.996
_cell.length_c   76.063
_cell.angle_alpha   90.00
_cell.angle_beta   96.44
_cell.angle_gamma   90.00
#
_symmetry.space_group_name_H-M   'P 1 21 1'
#
loop_
_entity.id
_entity.type
_entity.pdbx_description
1 polymer 'CRISPR-associated endonuclease Cas9'
2 polymer AcrIIC2
3 water water
#
loop_
_entity_poly.entity_id
_entity_poly.type
_entity_poly.pdbx_seq_one_letter_code
_entity_poly.pdbx_strand_id
1 'polypeptide(L)' SVPKTGDSLAMARRLARSVRRLTRRRAHRLLRTRRLLKREGVLQAANFDENGLIKSLPNTPWQLRAAALDRKLT A,F
2 'polypeptide(L)'
;SMASKNNIFNKYPTIIHGEARGENDEFVVHTRYPRFLARKSFDDNFTGEMPAKPVNGELGQIGEPRRLAYDSRLGLWLSD
FIMLDNNKPKNMEDWLGQLKAACDRIAADDLMLNEDAADLEGWDD
;
B,C,D,E
#
# COMPACT_ATOMS: atom_id res chain seq x y z
N SER A 1 14.95 -0.23 -26.32
CA SER A 1 14.04 -1.39 -26.13
C SER A 1 12.76 -0.93 -25.42
N VAL A 2 11.83 -1.85 -25.23
CA VAL A 2 10.55 -1.54 -24.54
C VAL A 2 10.85 -1.36 -23.06
N PRO A 3 10.37 -0.31 -22.46
CA PRO A 3 10.64 -0.10 -21.05
C PRO A 3 9.88 -1.00 -20.09
N LYS A 4 10.46 -1.24 -18.95
CA LYS A 4 9.78 -2.01 -17.88
C LYS A 4 9.33 -0.97 -16.87
N THR A 5 8.08 -0.96 -16.47
CA THR A 5 7.59 0.10 -15.57
C THR A 5 8.32 0.06 -14.22
N GLY A 6 8.76 1.21 -13.77
CA GLY A 6 9.49 1.34 -12.50
C GLY A 6 8.56 1.20 -11.31
N ASP A 7 9.11 0.85 -10.18
CA ASP A 7 8.31 0.65 -8.95
C ASP A 7 7.61 1.93 -8.52
N SER A 8 8.23 3.09 -8.57
CA SER A 8 7.53 4.29 -8.05
C SER A 8 6.30 4.66 -8.87
N LEU A 9 6.36 4.62 -10.18
CA LEU A 9 5.18 4.94 -11.00
C LEU A 9 4.10 3.88 -10.79
N ALA A 10 4.49 2.63 -10.74
CA ALA A 10 3.58 1.47 -10.59
C ALA A 10 2.86 1.54 -9.25
N MET A 11 3.51 1.92 -8.18
CA MET A 11 2.84 1.97 -6.87
C MET A 11 1.75 3.05 -6.83
N ALA A 12 1.97 4.21 -7.44
CA ALA A 12 0.99 5.30 -7.49
C ALA A 12 -0.20 4.91 -8.37
N ARG A 13 0.06 4.29 -9.50
CA ARG A 13 -0.99 3.81 -10.45
C ARG A 13 -1.81 2.69 -9.80
N ARG A 14 -1.15 1.81 -9.07
CA ARG A 14 -1.83 0.69 -8.37
C ARG A 14 -2.78 1.27 -7.31
N LEU A 15 -2.38 2.26 -6.56
CA LEU A 15 -3.25 2.88 -5.53
C LEU A 15 -4.47 3.55 -6.18
N ALA A 16 -4.29 4.28 -7.26
CA ALA A 16 -5.40 4.96 -7.96
C ALA A 16 -6.38 3.91 -8.52
N ARG A 17 -5.87 2.82 -9.05
CA ARG A 17 -6.71 1.70 -9.55
C ARG A 17 -7.50 1.13 -8.39
N SER A 18 -6.89 0.97 -7.24
CA SER A 18 -7.59 0.44 -6.04
C SER A 18 -8.69 1.41 -5.61
N VAL A 19 -8.43 2.70 -5.62
CA VAL A 19 -9.46 3.68 -5.22
C VAL A 19 -10.63 3.62 -6.21
N ARG A 20 -10.38 3.57 -7.50
CA ARG A 20 -11.49 3.49 -8.47
C ARG A 20 -12.26 2.18 -8.26
N ARG A 21 -11.59 1.08 -7.99
CA ARG A 21 -12.23 -0.21 -7.85
C ARG A 21 -13.10 -0.27 -6.63
N LEU A 22 -12.65 0.35 -5.57
CA LEU A 22 -13.46 0.41 -4.33
C LEU A 22 -14.71 1.25 -4.61
N THR A 23 -14.58 2.33 -5.33
CA THR A 23 -15.76 3.16 -5.66
C THR A 23 -16.72 2.38 -6.55
N ARG A 24 -16.20 1.69 -7.54
CA ARG A 24 -17.04 0.94 -8.50
C ARG A 24 -17.80 -0.17 -7.79
N ARG A 25 -17.15 -0.88 -6.91
CA ARG A 25 -17.81 -1.99 -6.18
C ARG A 25 -18.90 -1.47 -5.24
N ARG A 26 -18.76 -0.30 -4.67
CA ARG A 26 -19.83 0.22 -3.77
C ARG A 26 -21.15 0.40 -4.51
N ALA A 27 -21.16 0.77 -5.78
CA ALA A 27 -22.43 0.88 -6.52
C ALA A 27 -23.14 -0.47 -6.60
N HIS A 28 -22.41 -1.57 -6.76
CA HIS A 28 -23.02 -2.93 -6.79
C HIS A 28 -23.58 -3.29 -5.42
N ARG A 29 -22.96 -2.84 -4.34
CA ARG A 29 -23.35 -3.27 -2.98
C ARG A 29 -24.66 -2.65 -2.52
N LEU A 30 -25.24 -3.30 -1.52
CA LEU A 30 -26.52 -3.00 -0.79
C LEU A 30 -27.72 -3.31 -1.67
N SER B 4 -6.38 -7.65 10.56
CA SER B 4 -6.48 -7.01 11.87
C SER B 4 -5.20 -6.23 12.20
N LYS B 5 -5.37 -5.18 13.00
CA LYS B 5 -4.29 -4.27 13.38
C LYS B 5 -3.10 -4.97 14.05
N ASN B 6 -3.39 -5.89 14.97
CA ASN B 6 -2.36 -6.50 15.82
C ASN B 6 -1.38 -7.40 15.09
N ASN B 7 -1.68 -7.70 13.83
CA ASN B 7 -0.74 -8.40 12.97
C ASN B 7 0.33 -7.45 12.46
N ILE B 8 -0.05 -6.19 12.27
CA ILE B 8 0.87 -5.14 11.90
C ILE B 8 1.75 -4.70 13.07
N PHE B 9 1.22 -4.71 14.28
CA PHE B 9 2.00 -4.32 15.45
C PHE B 9 3.21 -5.22 15.66
N ASN B 10 3.05 -6.50 15.32
CA ASN B 10 4.12 -7.48 15.48
C ASN B 10 5.28 -7.28 14.50
N LYS B 11 5.07 -6.44 13.50
CA LYS B 11 6.16 -6.08 12.59
C LYS B 11 7.13 -5.12 13.27
N TYR B 12 6.64 -4.44 14.31
CA TYR B 12 7.45 -3.47 15.06
C TYR B 12 8.29 -4.07 16.17
N PRO B 13 9.36 -3.34 16.55
CA PRO B 13 10.07 -3.72 17.77
C PRO B 13 9.13 -3.51 18.95
N THR B 14 9.32 -4.24 20.03
CA THR B 14 8.43 -4.17 21.18
C THR B 14 8.44 -2.77 21.79
N ILE B 15 9.62 -2.19 21.91
CA ILE B 15 9.78 -0.89 22.53
C ILE B 15 10.38 0.14 21.57
N ILE B 16 9.65 1.23 21.36
CA ILE B 16 10.13 2.31 20.53
C ILE B 16 10.33 3.55 21.41
N HIS B 17 11.54 4.12 21.35
CA HIS B 17 11.86 5.31 22.12
C HIS B 17 11.80 6.53 21.22
N GLY B 18 11.10 7.55 21.67
CA GLY B 18 10.82 8.70 20.82
C GLY B 18 11.20 10.06 21.34
N GLU B 19 11.31 11.00 20.41
CA GLU B 19 11.62 12.39 20.71
C GLU B 19 10.76 13.29 19.83
N ALA B 20 10.66 14.55 20.21
CA ALA B 20 10.01 15.55 19.37
C ALA B 20 10.82 16.82 19.45
N ARG B 21 10.87 17.55 18.33
CA ARG B 21 11.63 18.79 18.28
C ARG B 21 11.02 19.86 19.19
N GLY B 22 11.88 20.61 19.88
CA GLY B 22 11.43 21.66 20.77
C GLY B 22 10.86 21.15 22.08
N GLU B 23 11.03 19.85 22.32
CA GLU B 23 10.47 19.21 23.51
C GLU B 23 11.58 18.62 24.38
N ASN B 24 11.54 18.91 25.68
CA ASN B 24 12.49 18.32 26.62
C ASN B 24 12.12 16.89 26.97
N ASP B 25 10.82 16.64 27.16
CA ASP B 25 10.34 15.29 27.45
C ASP B 25 10.53 14.38 26.24
N GLU B 26 10.62 13.09 26.50
CA GLU B 26 10.75 12.09 25.46
C GLU B 26 9.48 11.25 25.44
N PHE B 27 9.44 10.22 24.60
CA PHE B 27 8.21 9.46 24.43
C PHE B 27 8.49 7.99 24.22
N VAL B 28 7.47 7.17 24.42
CA VAL B 28 7.61 5.74 24.22
C VAL B 28 6.37 5.10 23.64
N VAL B 29 6.59 4.08 22.81
CA VAL B 29 5.52 3.24 22.31
C VAL B 29 5.78 1.78 22.66
N HIS B 30 4.79 1.14 23.27
CA HIS B 30 4.88 -0.29 23.55
C HIS B 30 3.95 -1.00 22.59
N THR B 31 4.51 -1.88 21.76
CA THR B 31 3.75 -2.46 20.65
C THR B 31 3.31 -3.90 20.88
N ARG B 32 3.55 -4.43 22.08
CA ARG B 32 2.97 -5.72 22.46
C ARG B 32 1.93 -5.46 23.52
N TYR B 33 1.08 -6.45 23.78
CA TYR B 33 0.03 -6.29 24.77
C TYR B 33 0.61 -6.11 26.17
N PRO B 34 0.14 -5.10 26.91
CA PRO B 34 -0.84 -4.11 26.46
C PRO B 34 -0.18 -2.95 25.73
N ARG B 35 -0.74 -2.56 24.60
CA ARG B 35 -0.12 -1.55 23.74
C ARG B 35 -0.46 -0.14 24.15
N PHE B 36 0.54 0.74 24.14
CA PHE B 36 0.29 2.12 24.51
C PHE B 36 1.32 3.12 24.01
N LEU B 37 0.92 4.39 24.01
CA LEU B 37 1.81 5.52 23.83
C LEU B 37 1.94 6.21 25.17
N ALA B 38 3.15 6.62 25.54
CA ALA B 38 3.33 7.31 26.81
C ALA B 38 4.38 8.39 26.73
N ARG B 39 4.29 9.36 27.64
CA ARG B 39 5.31 10.39 27.76
C ARG B 39 6.40 9.94 28.72
N LYS B 40 7.64 10.03 28.29
CA LYS B 40 8.76 9.65 29.13
C LYS B 40 9.49 10.89 29.64
N SER B 41 9.54 11.05 30.96
CA SER B 41 10.20 12.20 31.57
C SER B 41 11.13 11.79 32.73
N PHE B 42 11.99 12.70 33.15
CA PHE B 42 13.06 12.38 34.11
C PHE B 42 13.19 13.33 35.28
N ASP B 43 13.53 12.78 36.45
CA ASP B 43 13.86 13.56 37.66
C ASP B 43 15.26 14.12 37.62
N ASP B 44 15.55 15.00 38.58
CA ASP B 44 16.89 15.55 38.75
C ASP B 44 17.71 14.48 39.49
N ASN B 45 17.05 13.42 39.93
CA ASN B 45 17.73 12.31 40.58
C ASN B 45 17.97 11.17 39.61
N PHE B 46 17.67 11.40 38.34
CA PHE B 46 18.00 10.45 37.29
C PHE B 46 19.49 10.51 36.99
N THR B 47 20.17 9.38 37.01
CA THR B 47 21.60 9.33 36.74
C THR B 47 21.92 8.63 35.43
N GLY B 48 21.01 7.77 35.00
CA GLY B 48 21.15 7.07 33.74
C GLY B 48 22.11 5.90 33.82
N GLU B 49 22.65 5.67 35.00
CA GLU B 49 23.55 4.54 35.21
C GLU B 49 22.75 3.26 35.36
N MET B 50 23.37 2.15 35.01
CA MET B 50 22.69 0.87 35.06
C MET B 50 22.46 0.44 36.50
N PRO B 51 21.24 0.02 36.83
CA PRO B 51 20.91 -0.32 38.22
C PRO B 51 21.42 -1.69 38.63
N ALA B 52 21.66 -1.86 39.93
CA ALA B 52 22.19 -3.10 40.46
C ALA B 52 21.20 -4.26 40.40
N LYS B 53 19.99 -4.02 40.92
CA LYS B 53 18.89 -4.98 40.84
C LYS B 53 17.95 -4.58 39.68
N PRO B 54 17.14 -5.52 39.17
CA PRO B 54 16.21 -5.18 38.08
C PRO B 54 15.22 -4.07 38.41
N VAL B 55 14.70 -3.41 37.39
CA VAL B 55 13.79 -2.28 37.60
C VAL B 55 12.51 -2.74 38.28
N ASN B 56 12.16 -2.05 39.37
CA ASN B 56 10.96 -2.35 40.13
C ASN B 56 10.23 -1.06 40.46
N GLY B 57 9.28 -0.70 39.60
CA GLY B 57 8.62 0.58 39.66
C GLY B 57 7.27 0.59 40.36
N GLU B 58 6.61 1.74 40.34
CA GLU B 58 5.27 1.86 40.92
C GLU B 58 4.26 2.40 39.90
N LEU B 59 3.08 1.79 39.90
CA LEU B 59 1.97 2.28 39.11
C LEU B 59 0.93 2.92 40.02
N GLY B 60 0.48 4.11 39.67
CA GLY B 60 -0.50 4.81 40.49
C GLY B 60 -1.33 5.86 39.77
N GLN B 61 -2.38 6.34 40.43
CA GLN B 61 -3.20 7.45 39.96
C GLN B 61 -2.76 8.74 40.68
N ILE B 62 -2.50 9.83 39.95
CA ILE B 62 -1.86 11.05 40.51
C ILE B 62 -2.38 12.37 39.85
N GLY B 63 -2.39 13.48 40.60
CA GLY B 63 -2.73 14.78 40.04
C GLY B 63 -4.23 14.75 39.92
N GLU B 64 -4.83 15.81 39.39
CA GLU B 64 -6.23 15.69 38.99
C GLU B 64 -6.51 16.58 37.76
N PRO B 65 -7.15 16.00 36.73
CA PRO B 65 -7.75 14.67 36.60
C PRO B 65 -6.76 13.55 36.87
N ARG B 66 -7.07 12.69 37.86
CA ARG B 66 -6.14 11.65 38.28
C ARG B 66 -5.98 10.67 37.14
N ARG B 67 -4.73 10.38 36.76
CA ARG B 67 -4.46 9.50 35.63
C ARG B 67 -3.38 8.57 36.10
N LEU B 68 -3.33 7.41 35.47
CA LEU B 68 -2.28 6.47 35.69
C LEU B 68 -0.91 7.07 35.37
N ALA B 69 0.07 6.79 36.22
CA ALA B 69 1.44 7.25 36.01
C ALA B 69 2.39 6.18 36.54
N TYR B 70 3.59 6.17 36.00
CA TYR B 70 4.58 5.18 36.43
C TYR B 70 5.87 5.81 36.93
N ASP B 71 6.33 5.35 38.09
CA ASP B 71 7.59 5.83 38.65
C ASP B 71 8.57 4.66 38.70
N SER B 72 9.63 4.75 37.90
CA SER B 72 10.65 3.70 37.83
C SER B 72 11.44 3.55 39.12
N ARG B 73 11.45 4.61 39.92
CA ARG B 73 12.24 4.72 41.17
C ARG B 73 13.71 4.91 40.84
N LEU B 74 13.99 5.14 39.56
CA LEU B 74 15.34 5.50 39.12
C LEU B 74 15.37 6.89 38.53
N GLY B 75 14.26 7.61 38.66
CA GLY B 75 14.19 8.97 38.15
C GLY B 75 13.44 9.07 36.84
N LEU B 76 13.10 7.92 36.27
CA LEU B 76 12.37 7.90 35.00
C LEU B 76 10.87 7.73 35.25
N TRP B 77 10.08 8.56 34.60
CA TRP B 77 8.63 8.49 34.73
C TRP B 77 7.94 8.26 33.40
N LEU B 78 6.85 7.51 33.42
CA LEU B 78 5.96 7.41 32.25
C LEU B 78 4.60 7.96 32.64
N SER B 79 4.01 8.74 31.74
CA SER B 79 2.73 9.39 32.01
C SER B 79 1.93 9.59 30.73
N ASP B 80 0.71 10.12 30.87
CA ASP B 80 -0.19 10.40 29.76
C ASP B 80 -0.44 9.16 28.91
N PHE B 81 -0.62 8.01 29.56
CA PHE B 81 -0.84 6.76 28.84
C PHE B 81 -2.04 6.83 27.91
N ILE B 82 -1.83 6.37 26.68
CA ILE B 82 -2.92 6.13 25.75
C ILE B 82 -2.86 4.68 25.30
N MET B 83 -3.83 3.88 25.71
CA MET B 83 -3.88 2.48 25.31
C MET B 83 -4.25 2.39 23.83
N LEU B 84 -3.56 1.52 23.10
CA LEU B 84 -3.80 1.39 21.66
C LEU B 84 -4.66 0.18 21.32
N ASP B 85 -5.03 -0.59 22.33
CA ASP B 85 -5.94 -1.73 22.15
C ASP B 85 -7.37 -1.31 22.48
N ASN B 86 -8.33 -1.60 21.61
CA ASN B 86 -9.74 -1.26 21.89
C ASN B 86 -10.48 -2.26 22.78
N ASN B 87 -9.98 -3.49 22.85
CA ASN B 87 -10.58 -4.48 23.74
C ASN B 87 -10.36 -4.07 25.20
N LYS B 88 -11.30 -4.46 26.06
CA LYS B 88 -11.17 -4.22 27.49
C LYS B 88 -10.77 -5.50 28.21
N PRO B 89 -9.86 -5.36 29.19
CA PRO B 89 -9.28 -6.51 29.87
C PRO B 89 -10.33 -7.08 30.80
N LYS B 90 -10.32 -8.38 31.02
CA LYS B 90 -11.34 -8.96 31.89
C LYS B 90 -11.18 -8.46 33.33
N ASN B 91 -9.96 -8.40 33.83
CA ASN B 91 -9.69 -7.85 35.16
C ASN B 91 -8.64 -6.72 35.19
N MET B 92 -9.02 -5.61 35.81
CA MET B 92 -8.19 -4.42 35.85
C MET B 92 -7.03 -4.73 36.78
N GLU B 93 -7.20 -5.79 37.54
CA GLU B 93 -6.14 -6.28 38.47
C GLU B 93 -4.95 -6.92 37.75
N ASP B 94 -5.14 -7.77 36.76
CA ASP B 94 -3.97 -8.50 36.20
C ASP B 94 -3.37 -7.72 35.03
N TRP B 95 -4.03 -6.63 34.75
CA TRP B 95 -3.78 -5.69 33.66
C TRP B 95 -2.70 -4.75 34.18
N LEU B 96 -2.89 -4.33 35.43
CA LEU B 96 -1.96 -3.46 36.11
C LEU B 96 -0.59 -4.12 36.28
N GLY B 97 -0.60 -5.42 36.55
CA GLY B 97 0.63 -6.20 36.66
C GLY B 97 1.36 -6.25 35.34
N GLN B 98 0.62 -6.45 34.26
CA GLN B 98 1.20 -6.50 32.94
C GLN B 98 1.74 -5.16 32.49
N LEU B 99 0.95 -4.12 32.74
CA LEU B 99 1.34 -2.76 32.40
C LEU B 99 2.58 -2.35 33.17
N LYS B 100 2.61 -2.70 34.44
CA LYS B 100 3.72 -2.35 35.30
C LYS B 100 4.97 -3.08 34.82
N ALA B 101 4.81 -4.33 34.42
CA ALA B 101 5.91 -5.14 33.92
C ALA B 101 6.46 -4.56 32.62
N ALA B 102 5.57 -4.08 31.75
CA ALA B 102 5.98 -3.45 30.50
C ALA B 102 6.73 -2.14 30.78
N CYS B 103 6.21 -1.36 31.72
CA CYS B 103 6.87 -0.11 32.10
C CYS B 103 8.25 -0.37 32.67
N ASP B 104 8.39 -1.46 33.44
CA ASP B 104 9.68 -1.85 33.98
C ASP B 104 10.68 -2.18 32.86
N ARG B 105 10.24 -2.95 31.88
CA ARG B 105 11.07 -3.30 30.75
C ARG B 105 11.45 -2.07 29.92
N ILE B 106 10.49 -1.17 29.77
CA ILE B 106 10.75 0.06 29.02
C ILE B 106 11.82 0.91 29.72
N ALA B 107 11.74 1.02 31.04
CA ALA B 107 12.74 1.79 31.77
C ALA B 107 14.13 1.16 31.62
N ALA B 108 14.18 -0.16 31.71
CA ALA B 108 15.42 -0.90 31.54
C ALA B 108 15.99 -0.74 30.13
N ASP B 109 15.10 -0.80 29.13
CA ASP B 109 15.51 -0.66 27.73
C ASP B 109 16.12 0.71 27.48
N ASP B 110 15.56 1.73 28.13
CA ASP B 110 16.05 3.09 27.99
C ASP B 110 17.47 3.23 28.52
N LEU B 111 17.73 2.57 29.65
CA LEU B 111 19.06 2.61 30.25
C LEU B 111 20.09 1.95 29.34
N MET B 112 19.73 0.82 28.73
CA MET B 112 20.59 0.12 27.76
C MET B 112 20.73 0.86 26.43
N LEU B 113 19.75 1.68 26.07
CA LEU B 113 19.85 2.49 24.85
C LEU B 113 20.98 3.51 24.88
N ASN B 114 21.08 4.21 26.00
CA ASN B 114 22.08 5.26 26.17
C ASN B 114 23.40 4.65 26.65
N GLU B 115 23.37 3.34 26.90
CA GLU B 115 24.57 2.58 27.20
C GLU B 115 25.62 2.64 26.10
N ASP B 116 25.23 2.87 24.85
CA ASP B 116 26.21 2.79 23.75
C ASP B 116 26.51 4.16 23.05
N ASN C 7 1.99 -19.95 -26.86
CA ASN C 7 3.40 -19.83 -26.47
C ASN C 7 3.75 -18.37 -26.20
N ILE C 8 3.12 -17.47 -26.95
CA ILE C 8 3.22 -16.02 -26.70
C ILE C 8 2.39 -15.61 -25.50
N PHE C 9 1.30 -16.34 -25.26
CA PHE C 9 0.46 -16.10 -24.11
C PHE C 9 1.25 -16.27 -22.81
N ASN C 10 2.24 -17.16 -22.83
CA ASN C 10 3.03 -17.47 -21.64
C ASN C 10 3.93 -16.33 -21.15
N LYS C 11 4.13 -15.32 -21.97
CA LYS C 11 4.83 -14.10 -21.56
C LYS C 11 3.93 -13.24 -20.66
N TYR C 12 2.63 -13.45 -20.76
CA TYR C 12 1.66 -12.77 -19.92
C TYR C 12 1.47 -13.43 -18.56
N PRO C 13 1.00 -12.66 -17.58
CA PRO C 13 0.56 -13.26 -16.32
C PRO C 13 -0.67 -14.12 -16.57
N THR C 14 -0.88 -15.12 -15.72
CA THR C 14 -1.99 -16.06 -15.89
C THR C 14 -3.34 -15.35 -15.80
N ILE C 15 -3.47 -14.45 -14.85
CA ILE C 15 -4.73 -13.74 -14.64
C ILE C 15 -4.57 -12.23 -14.77
N ILE C 16 -5.33 -11.64 -15.66
CA ILE C 16 -5.34 -10.20 -15.84
C ILE C 16 -6.71 -9.66 -15.44
N HIS C 17 -6.73 -8.69 -14.53
CA HIS C 17 -7.98 -8.09 -14.09
C HIS C 17 -8.21 -6.77 -14.81
N GLY C 18 -9.40 -6.59 -15.35
CA GLY C 18 -9.63 -5.46 -16.22
C GLY C 18 -10.75 -4.53 -15.83
N GLU C 19 -10.69 -3.32 -16.36
CA GLU C 19 -11.70 -2.28 -16.15
C GLU C 19 -11.89 -1.50 -17.47
N ALA C 20 -12.99 -0.76 -17.59
CA ALA C 20 -13.18 0.12 -18.73
C ALA C 20 -13.81 1.43 -18.29
N ARG C 21 -13.51 2.50 -19.00
CA ARG C 21 -14.08 3.80 -18.67
C ARG C 21 -15.60 3.79 -18.84
N GLY C 22 -16.31 4.39 -17.89
CA GLY C 22 -17.75 4.47 -17.96
C GLY C 22 -18.47 3.17 -17.68
N GLU C 23 -17.72 2.18 -17.21
CA GLU C 23 -18.28 0.85 -17.02
C GLU C 23 -18.22 0.45 -15.54
N ASN C 24 -19.35 0.02 -14.99
CA ASN C 24 -19.41 -0.50 -13.63
C ASN C 24 -18.93 -1.95 -13.55
N ASP C 25 -19.22 -2.74 -14.57
CA ASP C 25 -18.74 -4.12 -14.60
C ASP C 25 -17.23 -4.16 -14.80
N GLU C 26 -16.59 -5.24 -14.37
CA GLU C 26 -15.15 -5.39 -14.62
C GLU C 26 -14.92 -6.57 -15.56
N PHE C 27 -13.65 -6.89 -15.82
CA PHE C 27 -13.33 -7.89 -16.83
C PHE C 27 -12.10 -8.71 -16.45
N VAL C 28 -11.94 -9.87 -17.10
CA VAL C 28 -10.80 -10.72 -16.84
C VAL C 28 -10.30 -11.41 -18.10
N VAL C 29 -8.99 -11.62 -18.14
CA VAL C 29 -8.38 -12.43 -19.18
C VAL C 29 -7.63 -13.56 -18.49
N HIS C 30 -7.89 -14.78 -18.93
CA HIS C 30 -7.15 -15.95 -18.46
C HIS C 30 -6.20 -16.37 -19.57
N THR C 31 -4.91 -16.40 -19.29
CA THR C 31 -3.93 -16.60 -20.34
C THR C 31 -3.31 -18.00 -20.36
N ARG C 32 -3.78 -18.87 -19.49
CA ARG C 32 -3.39 -20.28 -19.56
C ARG C 32 -4.59 -21.10 -20.01
N TYR C 33 -4.38 -22.35 -20.41
CA TYR C 33 -5.49 -23.16 -20.88
C TYR C 33 -6.48 -23.44 -19.76
N PRO C 34 -7.78 -23.23 -20.04
CA PRO C 34 -8.29 -22.65 -21.29
C PRO C 34 -8.29 -21.12 -21.26
N ARG C 35 -7.84 -20.51 -22.35
CA ARG C 35 -7.67 -19.06 -22.41
C ARG C 35 -8.97 -18.41 -22.80
N PHE C 36 -9.32 -17.33 -22.11
CA PHE C 36 -10.57 -16.64 -22.41
C PHE C 36 -10.61 -15.22 -21.88
N LEU C 37 -11.54 -14.45 -22.45
CA LEU C 37 -11.94 -13.15 -21.94
C LEU C 37 -13.30 -13.32 -21.31
N ALA C 38 -13.52 -12.68 -20.17
CA ALA C 38 -14.82 -12.77 -19.52
C ALA C 38 -15.21 -11.45 -18.85
N ARG C 39 -16.52 -11.28 -18.66
CA ARG C 39 -17.07 -10.15 -17.90
C ARG C 39 -17.24 -10.50 -16.43
N LYS C 40 -16.81 -9.59 -15.57
CA LYS C 40 -16.95 -9.75 -14.13
C LYS C 40 -18.11 -8.91 -13.62
N SER C 41 -19.07 -9.55 -12.97
CA SER C 41 -20.19 -8.81 -12.39
C SER C 41 -20.39 -9.30 -10.94
N PHE C 42 -21.15 -8.55 -10.15
CA PHE C 42 -21.20 -8.75 -8.70
C PHE C 42 -22.60 -8.79 -8.08
N ASP C 43 -22.75 -9.60 -7.04
CA ASP C 43 -24.00 -9.65 -6.30
C ASP C 43 -24.04 -8.40 -5.43
N ASP C 44 -25.19 -8.03 -4.89
CA ASP C 44 -25.24 -6.82 -4.06
C ASP C 44 -24.82 -7.04 -2.59
N ASN C 45 -24.70 -8.29 -2.16
CA ASN C 45 -24.25 -8.57 -0.80
C ASN C 45 -22.83 -9.11 -0.71
N PHE C 46 -22.05 -8.94 -1.80
CA PHE C 46 -20.65 -9.33 -1.85
C PHE C 46 -19.99 -8.83 -0.56
N THR C 47 -19.39 -9.75 0.19
CA THR C 47 -18.84 -9.40 1.49
C THR C 47 -17.33 -9.37 1.46
N GLY C 48 -16.75 -10.15 0.56
CA GLY C 48 -15.31 -10.08 0.32
C GLY C 48 -14.40 -10.68 1.37
N GLU C 49 -14.96 -11.27 2.42
CA GLU C 49 -14.07 -11.83 3.43
C GLU C 49 -13.46 -13.11 2.93
N MET C 50 -12.16 -13.25 3.14
CA MET C 50 -11.50 -14.43 2.62
C MET C 50 -11.75 -15.60 3.52
N PRO C 51 -12.30 -16.66 2.91
CA PRO C 51 -12.70 -17.88 3.59
C PRO C 51 -11.51 -18.79 3.73
N ALA C 52 -11.51 -19.63 4.74
CA ALA C 52 -10.46 -20.62 4.86
C ALA C 52 -10.65 -21.63 3.73
N LYS C 53 -11.91 -22.04 3.50
CA LYS C 53 -12.19 -22.97 2.41
C LYS C 53 -11.85 -22.35 1.08
N PRO C 54 -11.35 -23.19 0.16
CA PRO C 54 -11.04 -22.72 -1.18
C PRO C 54 -12.30 -22.33 -1.91
N VAL C 55 -12.17 -21.45 -2.89
CA VAL C 55 -13.30 -21.02 -3.67
C VAL C 55 -13.85 -22.25 -4.42
N ASN C 56 -15.15 -22.48 -4.31
CA ASN C 56 -15.78 -23.58 -5.03
C ASN C 56 -17.07 -23.10 -5.65
N GLY C 57 -16.98 -22.68 -6.91
CA GLY C 57 -18.09 -22.03 -7.55
C GLY C 57 -18.90 -23.02 -8.37
N GLU C 58 -19.91 -22.52 -9.07
CA GLU C 58 -20.75 -23.35 -9.92
C GLU C 58 -20.79 -22.82 -11.34
N LEU C 59 -20.78 -23.75 -12.30
CA LEU C 59 -20.90 -23.42 -13.71
C LEU C 59 -22.33 -23.73 -14.13
N GLY C 60 -22.96 -22.82 -14.87
CA GLY C 60 -24.35 -23.00 -15.25
C GLY C 60 -24.77 -22.25 -16.50
N GLN C 61 -25.98 -22.53 -16.97
CA GLN C 61 -26.57 -21.78 -18.08
C GLN C 61 -27.66 -20.82 -17.58
N ILE C 62 -27.62 -19.59 -18.07
CA ILE C 62 -28.37 -18.47 -17.49
C ILE C 62 -28.95 -17.52 -18.54
N GLY C 63 -30.05 -16.82 -18.22
CA GLY C 63 -30.48 -15.72 -19.05
C GLY C 63 -31.26 -16.13 -20.28
N GLU C 64 -31.55 -15.18 -21.16
CA GLU C 64 -32.10 -15.56 -22.46
C GLU C 64 -31.49 -14.79 -23.62
N PRO C 65 -30.97 -15.53 -24.61
CA PRO C 65 -30.98 -17.00 -24.57
C PRO C 65 -29.94 -17.54 -23.58
N ARG C 66 -29.97 -18.84 -23.34
CA ARG C 66 -29.12 -19.45 -22.34
C ARG C 66 -27.64 -19.27 -22.66
N ARG C 67 -26.88 -18.84 -21.67
CA ARG C 67 -25.46 -18.55 -21.83
C ARG C 67 -24.69 -19.18 -20.67
N LEU C 68 -23.46 -19.59 -20.96
CA LEU C 68 -22.56 -20.09 -19.93
C LEU C 68 -22.23 -18.98 -18.95
N ALA C 69 -22.31 -19.30 -17.67
CA ALA C 69 -21.96 -18.33 -16.63
C ALA C 69 -21.38 -19.05 -15.43
N TYR C 70 -20.58 -18.33 -14.65
CA TYR C 70 -19.96 -18.90 -13.48
C TYR C 70 -20.36 -18.08 -12.26
N ASP C 71 -20.78 -18.78 -11.22
CA ASP C 71 -21.14 -18.17 -9.95
C ASP C 71 -20.13 -18.61 -8.89
N SER C 72 -19.33 -17.67 -8.39
CA SER C 72 -18.32 -17.98 -7.37
C SER C 72 -18.95 -18.38 -6.04
N ARG C 73 -20.18 -17.90 -5.83
CA ARG C 73 -20.93 -18.04 -4.57
C ARG C 73 -20.35 -17.15 -3.46
N LEU C 74 -19.40 -16.30 -3.82
CA LEU C 74 -18.86 -15.30 -2.89
C LEU C 74 -19.18 -13.88 -3.35
N GLY C 75 -20.03 -13.77 -4.37
CA GLY C 75 -20.48 -12.50 -4.91
C GLY C 75 -19.96 -12.12 -6.29
N LEU C 76 -18.98 -12.85 -6.79
CA LEU C 76 -18.44 -12.60 -8.14
C LEU C 76 -19.05 -13.57 -9.17
N TRP C 77 -19.42 -13.03 -10.33
CA TRP C 77 -19.90 -13.82 -11.47
C TRP C 77 -18.97 -13.61 -12.67
N LEU C 78 -18.85 -14.63 -13.49
CA LEU C 78 -18.07 -14.56 -14.75
C LEU C 78 -19.04 -14.90 -15.89
N SER C 79 -19.05 -14.14 -16.95
CA SER C 79 -20.01 -14.42 -18.05
C SER C 79 -19.49 -13.85 -19.37
N ASP C 80 -20.23 -14.08 -20.45
CA ASP C 80 -19.89 -13.62 -21.81
C ASP C 80 -18.54 -14.21 -22.20
N PHE C 81 -18.27 -15.44 -21.84
CA PHE C 81 -16.99 -16.07 -22.15
C PHE C 81 -16.67 -16.01 -23.64
N ILE C 82 -15.44 -15.62 -23.95
CA ILE C 82 -14.90 -15.76 -25.30
C ILE C 82 -13.61 -16.57 -25.25
N MET C 83 -13.64 -17.77 -25.81
CA MET C 83 -12.45 -18.61 -25.81
C MET C 83 -11.44 -18.04 -26.79
N LEU C 84 -10.18 -18.00 -26.36
CA LEU C 84 -9.12 -17.44 -27.18
C LEU C 84 -8.31 -18.56 -27.84
N ASP C 85 -8.68 -19.80 -27.57
CA ASP C 85 -8.04 -20.95 -28.20
C ASP C 85 -8.85 -21.38 -29.44
N ASN C 86 -8.17 -21.62 -30.56
CA ASN C 86 -8.84 -22.01 -31.79
C ASN C 86 -9.20 -23.48 -31.82
N ASN C 87 -8.39 -24.25 -31.10
CA ASN C 87 -8.60 -25.67 -30.97
C ASN C 87 -9.88 -25.99 -30.24
N LYS C 88 -10.50 -27.11 -30.62
CA LYS C 88 -11.68 -27.58 -29.93
C LYS C 88 -11.28 -28.76 -29.05
N PRO C 89 -11.80 -28.79 -27.83
CA PRO C 89 -11.38 -29.79 -26.85
C PRO C 89 -11.98 -31.12 -27.21
N LYS C 90 -11.24 -32.19 -26.98
CA LYS C 90 -11.68 -33.51 -27.39
C LYS C 90 -12.87 -33.96 -26.53
N ASN C 91 -12.79 -33.66 -25.23
CA ASN C 91 -13.87 -34.04 -24.32
C ASN C 91 -14.57 -32.81 -23.72
N MET C 92 -15.89 -32.79 -23.86
CA MET C 92 -16.72 -31.69 -23.37
C MET C 92 -16.77 -31.60 -21.85
N GLU C 93 -16.80 -32.76 -21.21
CA GLU C 93 -16.84 -32.82 -19.76
C GLU C 93 -15.56 -32.27 -19.13
N ASP C 94 -14.40 -32.55 -19.74
CA ASP C 94 -13.13 -32.19 -19.11
C ASP C 94 -12.79 -30.75 -19.38
N TRP C 95 -13.34 -30.22 -20.47
CA TRP C 95 -13.20 -28.81 -20.80
C TRP C 95 -13.97 -27.94 -19.80
N LEU C 96 -15.22 -28.34 -19.52
CA LEU C 96 -16.05 -27.60 -18.59
C LEU C 96 -15.41 -27.61 -17.20
N GLY C 97 -14.79 -28.74 -16.85
CA GLY C 97 -14.11 -28.87 -15.57
C GLY C 97 -12.91 -27.94 -15.49
N GLN C 98 -12.14 -27.89 -16.57
CA GLN C 98 -10.96 -27.03 -16.64
C GLN C 98 -11.36 -25.55 -16.65
N LEU C 99 -12.45 -25.23 -17.33
CA LEU C 99 -12.95 -23.87 -17.34
C LEU C 99 -13.37 -23.43 -15.94
N LYS C 100 -14.04 -24.32 -15.23
CA LYS C 100 -14.54 -24.03 -13.89
C LYS C 100 -13.41 -23.83 -12.88
N ALA C 101 -12.39 -24.68 -12.95
CA ALA C 101 -11.25 -24.58 -12.05
C ALA C 101 -10.54 -23.26 -12.27
N ALA C 102 -10.43 -22.86 -13.53
CA ALA C 102 -9.80 -21.58 -13.86
C ALA C 102 -10.61 -20.42 -13.28
N CYS C 103 -11.95 -20.51 -13.37
CA CYS C 103 -12.82 -19.49 -12.81
C CYS C 103 -12.66 -19.41 -11.29
N ASP C 104 -12.50 -20.55 -10.63
CA ASP C 104 -12.27 -20.59 -9.19
C ASP C 104 -10.97 -19.86 -8.83
N ARG C 105 -9.91 -20.10 -9.59
CA ARG C 105 -8.63 -19.46 -9.32
C ARG C 105 -8.76 -17.95 -9.50
N ILE C 106 -9.51 -17.54 -10.52
CA ILE C 106 -9.75 -16.13 -10.79
C ILE C 106 -10.54 -15.49 -9.66
N ALA C 107 -11.55 -16.19 -9.16
CA ALA C 107 -12.35 -15.65 -8.07
C ALA C 107 -11.48 -15.47 -6.84
N ALA C 108 -10.60 -16.44 -6.59
CA ALA C 108 -9.67 -16.35 -5.47
C ALA C 108 -8.71 -15.17 -5.67
N ASP C 109 -8.21 -15.03 -6.88
CA ASP C 109 -7.28 -13.95 -7.19
C ASP C 109 -7.96 -12.58 -7.04
N ASP C 110 -9.24 -12.51 -7.41
CA ASP C 110 -10.01 -11.27 -7.28
C ASP C 110 -10.18 -10.86 -5.82
N LEU C 111 -10.43 -11.84 -4.95
CA LEU C 111 -10.58 -11.57 -3.53
C LEU C 111 -9.30 -10.95 -2.97
N MET C 112 -8.19 -11.42 -3.46
CA MET C 112 -6.88 -10.90 -3.01
C MET C 112 -6.64 -9.50 -3.59
N LEU C 113 -7.23 -9.16 -4.73
CA LEU C 113 -7.09 -7.81 -5.29
C LEU C 113 -7.76 -6.85 -4.30
N ASN C 114 -8.93 -7.22 -3.83
CA ASN C 114 -9.67 -6.46 -2.79
C ASN C 114 -8.93 -6.55 -1.46
N GLU C 115 -8.48 -7.73 -1.12
CA GLU C 115 -7.82 -7.95 0.19
C GLU C 115 -6.56 -7.10 0.25
N ASP C 116 -5.72 -7.14 -0.77
CA ASP C 116 -4.56 -6.27 -0.85
C ASP C 116 -5.01 -4.86 -0.49
N ALA C 117 -5.91 -4.33 -1.29
CA ALA C 117 -6.33 -2.92 -1.23
C ALA C 117 -6.97 -2.42 0.06
N ALA C 118 -7.90 -3.10 0.74
CA ALA C 118 -8.64 -2.30 1.75
C ALA C 118 -7.82 -1.93 2.98
N ASP C 119 -7.54 -0.63 3.02
CA ASP C 119 -6.81 0.11 4.08
C ASP C 119 -7.56 1.43 4.29
N ASN D 6 -16.29 -13.80 -33.13
CA ASN D 6 -15.81 -12.42 -33.15
C ASN D 6 -16.93 -11.40 -32.94
N ASN D 7 -18.17 -11.85 -33.00
CA ASN D 7 -19.32 -11.01 -32.72
C ASN D 7 -19.59 -10.83 -31.24
N ILE D 8 -19.14 -11.79 -30.43
CA ILE D 8 -19.26 -11.69 -28.98
C ILE D 8 -18.42 -10.55 -28.45
N PHE D 9 -17.33 -10.27 -29.15
CA PHE D 9 -16.43 -9.18 -28.77
C PHE D 9 -17.19 -7.87 -28.70
N ASN D 10 -18.21 -7.73 -29.55
CA ASN D 10 -18.97 -6.47 -29.60
C ASN D 10 -19.83 -6.16 -28.38
N LYS D 11 -20.11 -7.13 -27.52
CA LYS D 11 -20.82 -6.84 -26.28
C LYS D 11 -19.88 -6.18 -25.25
N TYR D 12 -18.58 -6.30 -25.47
CA TYR D 12 -17.60 -5.66 -24.60
C TYR D 12 -17.38 -4.20 -24.93
N PRO D 13 -16.89 -3.44 -23.95
CA PRO D 13 -16.42 -2.09 -24.28
C PRO D 13 -15.20 -2.20 -25.20
N THR D 14 -14.96 -1.16 -25.98
CA THR D 14 -13.91 -1.18 -26.99
C THR D 14 -12.52 -1.35 -26.40
N ILE D 15 -12.26 -0.64 -25.31
CA ILE D 15 -10.94 -0.67 -24.69
C ILE D 15 -11.01 -1.16 -23.24
N ILE D 16 -10.28 -2.22 -22.95
CA ILE D 16 -10.20 -2.74 -21.59
C ILE D 16 -8.81 -2.56 -21.02
N HIS D 17 -8.72 -1.92 -19.86
CA HIS D 17 -7.44 -1.69 -19.22
C HIS D 17 -7.24 -2.71 -18.12
N GLY D 18 -6.07 -3.33 -18.11
CA GLY D 18 -5.83 -4.45 -17.24
C GLY D 18 -4.61 -4.33 -16.37
N GLU D 19 -4.60 -5.12 -15.30
CA GLU D 19 -3.50 -5.18 -14.36
C GLU D 19 -3.32 -6.63 -13.93
N ALA D 20 -2.17 -6.92 -13.35
CA ALA D 20 -1.96 -8.21 -12.71
C ALA D 20 -1.25 -8.04 -11.37
N ARG D 21 -1.60 -8.86 -10.41
CA ARG D 21 -0.95 -8.88 -9.13
C ARG D 21 0.50 -9.30 -9.20
N GLY D 22 1.36 -8.60 -8.48
CA GLY D 22 2.79 -8.87 -8.47
C GLY D 22 3.50 -8.37 -9.71
N GLU D 23 2.78 -7.59 -10.51
CA GLU D 23 3.27 -7.07 -11.78
C GLU D 23 3.29 -5.53 -11.80
N ASN D 24 4.40 -4.94 -12.22
CA ASN D 24 4.44 -3.50 -12.42
C ASN D 24 3.79 -3.03 -13.73
N ASP D 25 3.98 -3.79 -14.80
CA ASP D 25 3.36 -3.46 -16.09
C ASP D 25 1.86 -3.64 -16.04
N GLU D 26 1.17 -2.94 -16.92
CA GLU D 26 -0.27 -3.04 -17.06
C GLU D 26 -0.60 -3.70 -18.40
N PHE D 27 -1.88 -3.81 -18.74
CA PHE D 27 -2.28 -4.53 -19.96
C PHE D 27 -3.50 -3.91 -20.63
N VAL D 28 -3.71 -4.25 -21.90
CA VAL D 28 -4.88 -3.76 -22.63
C VAL D 28 -5.44 -4.82 -23.56
N VAL D 29 -6.76 -4.76 -23.72
CA VAL D 29 -7.45 -5.55 -24.73
C VAL D 29 -8.21 -4.58 -25.62
N HIS D 30 -8.03 -4.74 -26.93
CA HIS D 30 -8.80 -3.98 -27.90
C HIS D 30 -9.82 -4.95 -28.53
N THR D 31 -11.11 -4.66 -28.38
CA THR D 31 -12.15 -5.62 -28.77
C THR D 31 -12.88 -5.30 -30.07
N ARG D 32 -12.43 -4.25 -30.76
CA ARG D 32 -12.90 -3.98 -32.12
C ARG D 32 -11.73 -4.22 -33.08
N TYR D 33 -12.02 -4.29 -34.38
CA TYR D 33 -10.99 -4.58 -35.36
C TYR D 33 -9.95 -3.44 -35.43
N PRO D 34 -8.66 -3.79 -35.38
CA PRO D 34 -8.12 -5.13 -35.18
C PRO D 34 -8.05 -5.49 -33.69
N ARG D 35 -8.49 -6.69 -33.35
CA ARG D 35 -8.56 -7.08 -31.95
C ARG D 35 -7.25 -7.62 -31.43
N PHE D 36 -6.86 -7.20 -30.23
CA PHE D 36 -5.59 -7.66 -29.68
C PHE D 36 -5.45 -7.55 -28.17
N LEU D 37 -4.50 -8.32 -27.66
CA LEU D 37 -4.02 -8.19 -26.30
C LEU D 37 -2.60 -7.63 -26.37
N ALA D 38 -2.28 -6.69 -25.49
CA ALA D 38 -0.93 -6.11 -25.47
C ALA D 38 -0.48 -5.82 -24.04
N ARG D 39 0.83 -5.74 -23.85
CA ARG D 39 1.41 -5.32 -22.60
C ARG D 39 1.56 -3.80 -22.63
N LYS D 40 1.09 -3.15 -21.58
CA LYS D 40 1.20 -1.70 -21.47
C LYS D 40 2.24 -1.31 -20.43
N SER D 41 3.27 -0.57 -20.84
CA SER D 41 4.33 -0.14 -19.91
C SER D 41 4.70 1.34 -20.05
N PHE D 42 5.44 1.84 -19.07
CA PHE D 42 5.76 3.27 -18.99
C PHE D 42 7.25 3.52 -18.70
N ASP D 43 7.83 4.52 -19.38
CA ASP D 43 9.21 4.93 -19.10
C ASP D 43 9.26 5.95 -17.95
N ASP D 44 10.46 6.37 -17.58
CA ASP D 44 10.64 7.26 -16.43
C ASP D 44 10.22 8.71 -16.71
N ASN D 45 9.96 9.05 -17.97
CA ASN D 45 9.50 10.40 -18.27
C ASN D 45 7.99 10.48 -18.56
N PHE D 46 7.27 9.40 -18.27
CA PHE D 46 5.81 9.41 -18.36
C PHE D 46 5.21 10.24 -17.22
N THR D 47 4.32 11.17 -17.55
CA THR D 47 3.71 12.02 -16.53
C THR D 47 2.21 11.76 -16.34
N GLY D 48 1.55 11.24 -17.36
CA GLY D 48 0.13 10.96 -17.26
C GLY D 48 -0.68 12.23 -17.46
N GLU D 49 0.02 13.31 -17.75
CA GLU D 49 -0.58 14.61 -17.97
C GLU D 49 -1.18 14.65 -19.38
N MET D 50 -2.23 15.45 -19.55
CA MET D 50 -2.96 15.53 -20.80
C MET D 50 -2.06 16.22 -21.81
N PRO D 51 -1.93 15.65 -23.01
CA PRO D 51 -0.95 16.17 -23.97
C PRO D 51 -1.42 17.41 -24.71
N ALA D 52 -0.46 18.22 -25.17
CA ALA D 52 -0.79 19.44 -25.89
C ALA D 52 -1.46 19.11 -27.22
N LYS D 53 -0.87 18.17 -27.96
CA LYS D 53 -1.46 17.63 -29.19
C LYS D 53 -2.24 16.34 -28.94
N PRO D 54 -3.15 15.97 -29.86
CA PRO D 54 -3.79 14.67 -29.69
C PRO D 54 -2.72 13.58 -29.79
N VAL D 55 -2.97 12.41 -29.22
CA VAL D 55 -1.95 11.37 -29.21
C VAL D 55 -1.60 10.97 -30.64
N ASN D 56 -0.32 11.02 -30.96
CA ASN D 56 0.16 10.63 -32.26
C ASN D 56 1.44 9.83 -32.06
N GLY D 57 1.28 8.51 -32.02
CA GLY D 57 2.35 7.63 -31.65
C GLY D 57 3.06 7.04 -32.85
N GLU D 58 3.97 6.11 -32.59
CA GLU D 58 4.65 5.42 -33.67
C GLU D 58 4.58 3.90 -33.53
N LEU D 59 4.41 3.23 -34.66
CA LEU D 59 4.48 1.78 -34.73
C LEU D 59 5.83 1.43 -35.30
N GLY D 60 6.51 0.48 -34.69
CA GLY D 60 7.85 0.15 -35.12
C GLY D 60 8.25 -1.26 -34.77
N GLN D 61 9.40 -1.65 -35.31
CA GLN D 61 9.97 -2.94 -35.01
C GLN D 61 11.11 -2.77 -34.02
N ILE D 62 11.20 -3.67 -33.04
CA ILE D 62 12.14 -3.49 -31.96
C ILE D 62 12.74 -4.86 -31.62
N GLY D 63 13.98 -4.85 -31.17
CA GLY D 63 14.67 -6.04 -30.69
C GLY D 63 15.23 -6.85 -31.85
N GLU D 64 15.88 -7.97 -31.55
CA GLU D 64 16.32 -8.90 -32.58
C GLU D 64 16.14 -10.35 -32.13
N PRO D 65 15.22 -11.09 -32.80
CA PRO D 65 14.55 -10.66 -34.03
C PRO D 65 13.50 -9.58 -33.77
N ARG D 66 13.07 -8.92 -34.83
CA ARG D 66 12.20 -7.76 -34.76
C ARG D 66 10.76 -8.08 -34.36
N ARG D 67 10.24 -7.31 -33.41
CA ARG D 67 8.87 -7.50 -32.94
C ARG D 67 8.20 -6.14 -32.97
N LEU D 68 6.90 -6.15 -33.29
CA LEU D 68 6.10 -4.95 -33.28
C LEU D 68 5.97 -4.35 -31.89
N ALA D 69 6.11 -3.03 -31.84
CA ALA D 69 5.93 -2.30 -30.60
C ALA D 69 5.35 -0.94 -30.93
N TYR D 70 4.65 -0.34 -29.98
CA TYR D 70 4.05 0.97 -30.18
C TYR D 70 4.58 1.92 -29.14
N ASP D 71 5.05 3.08 -29.59
CA ASP D 71 5.50 4.15 -28.69
C ASP D 71 4.58 5.35 -28.84
N SER D 72 3.85 5.66 -27.79
CA SER D 72 2.93 6.79 -27.80
C SER D 72 3.68 8.11 -27.94
N ARG D 73 4.96 8.08 -27.54
CA ARG D 73 5.82 9.25 -27.48
C ARG D 73 5.40 10.19 -26.34
N LEU D 74 4.55 9.67 -25.46
CA LEU D 74 4.19 10.36 -24.23
C LEU D 74 4.70 9.55 -23.05
N GLY D 75 5.47 8.50 -23.34
CA GLY D 75 6.03 7.66 -22.31
C GLY D 75 5.31 6.35 -22.13
N LEU D 76 4.17 6.20 -22.83
CA LEU D 76 3.40 4.96 -22.76
C LEU D 76 3.76 4.07 -23.94
N TRP D 77 3.99 2.80 -23.65
CA TRP D 77 4.33 1.80 -24.68
C TRP D 77 3.33 0.64 -24.68
N LEU D 78 3.06 0.10 -25.86
CA LEU D 78 2.33 -1.17 -25.99
C LEU D 78 3.24 -2.17 -26.70
N SER D 79 3.26 -3.41 -26.19
CA SER D 79 4.13 -4.44 -26.75
C SER D 79 3.53 -5.84 -26.56
N ASP D 80 4.24 -6.85 -27.03
CA ASP D 80 3.82 -8.24 -26.93
C ASP D 80 2.42 -8.48 -27.52
N PHE D 81 2.16 -7.86 -28.66
CA PHE D 81 0.86 -7.96 -29.31
C PHE D 81 0.46 -9.41 -29.61
N ILE D 82 -0.77 -9.75 -29.24
CA ILE D 82 -1.41 -10.99 -29.65
C ILE D 82 -2.72 -10.65 -30.33
N MET D 83 -2.79 -10.88 -31.63
CA MET D 83 -4.00 -10.61 -32.40
C MET D 83 -5.09 -11.61 -32.06
N LEU D 84 -6.31 -11.14 -31.87
CA LEU D 84 -7.42 -12.02 -31.50
C LEU D 84 -8.35 -12.38 -32.66
N ASP D 85 -8.10 -11.81 -33.84
CA ASP D 85 -8.86 -12.13 -35.05
C ASP D 85 -8.13 -13.18 -35.87
N ASN D 86 -8.83 -14.21 -36.36
CA ASN D 86 -8.14 -15.22 -37.17
C ASN D 86 -7.89 -14.84 -38.64
N ASN D 87 -8.66 -13.90 -39.18
CA ASN D 87 -8.49 -13.46 -40.57
C ASN D 87 -7.16 -12.74 -40.74
N LYS D 88 -6.63 -12.84 -41.95
CA LYS D 88 -5.42 -12.13 -42.34
C LYS D 88 -5.83 -10.96 -43.24
N PRO D 89 -5.21 -9.78 -43.06
CA PRO D 89 -5.68 -8.58 -43.78
C PRO D 89 -5.28 -8.55 -45.26
N LYS D 90 -6.12 -7.98 -46.11
CA LYS D 90 -5.81 -7.95 -47.56
C LYS D 90 -4.64 -7.04 -47.89
N ASN D 91 -4.62 -5.86 -47.27
CA ASN D 91 -3.50 -4.95 -47.48
C ASN D 91 -2.76 -4.74 -46.16
N MET D 92 -1.46 -5.00 -46.17
CA MET D 92 -0.64 -4.91 -44.97
C MET D 92 -0.46 -3.47 -44.50
N GLU D 93 -0.44 -2.53 -45.44
CA GLU D 93 -0.36 -1.12 -45.10
C GLU D 93 -1.52 -0.57 -44.29
N ASP D 94 -2.75 -0.99 -44.63
CA ASP D 94 -3.93 -0.39 -44.03
C ASP D 94 -4.26 -1.08 -42.71
N TRP D 95 -3.74 -2.28 -42.56
CA TRP D 95 -3.85 -2.99 -41.28
C TRP D 95 -2.99 -2.27 -40.24
N LEU D 96 -1.76 -1.94 -40.62
CA LEU D 96 -0.85 -1.24 -39.71
C LEU D 96 -1.42 0.13 -39.35
N GLY D 97 -2.03 0.79 -40.33
CA GLY D 97 -2.62 2.08 -40.10
C GLY D 97 -3.76 1.99 -39.10
N GLN D 98 -4.59 0.96 -39.24
CA GLN D 98 -5.68 0.73 -38.32
C GLN D 98 -5.19 0.32 -36.93
N LEU D 99 -4.14 -0.50 -36.90
CA LEU D 99 -3.55 -0.92 -35.63
C LEU D 99 -2.93 0.26 -34.88
N LYS D 100 -2.23 1.13 -35.61
CA LYS D 100 -1.56 2.27 -34.99
C LYS D 100 -2.63 3.23 -34.46
N ALA D 101 -3.69 3.42 -35.23
CA ALA D 101 -4.79 4.29 -34.84
C ALA D 101 -5.47 3.75 -33.58
N ALA D 102 -5.61 2.42 -33.50
CA ALA D 102 -6.20 1.82 -32.31
C ALA D 102 -5.32 2.09 -31.10
N CYS D 103 -4.01 1.95 -31.27
CA CYS D 103 -3.05 2.20 -30.19
C CYS D 103 -3.11 3.63 -29.70
N ASP D 104 -3.26 4.58 -30.62
CA ASP D 104 -3.38 5.98 -30.26
C ASP D 104 -4.62 6.19 -29.39
N ARG D 105 -5.73 5.55 -29.77
CA ARG D 105 -6.94 5.64 -28.96
C ARG D 105 -6.76 5.02 -27.57
N ILE D 106 -6.06 3.90 -27.51
CA ILE D 106 -5.85 3.26 -26.22
C ILE D 106 -5.02 4.14 -25.28
N ALA D 107 -3.97 4.77 -25.81
CA ALA D 107 -3.14 5.64 -24.99
C ALA D 107 -3.93 6.83 -24.47
N ALA D 108 -4.73 7.43 -25.34
CA ALA D 108 -5.55 8.58 -24.98
C ALA D 108 -6.57 8.18 -23.93
N ASP D 109 -7.14 6.99 -24.12
CA ASP D 109 -8.13 6.47 -23.19
C ASP D 109 -7.52 6.25 -21.81
N ASP D 110 -6.28 5.79 -21.77
CA ASP D 110 -5.60 5.57 -20.50
C ASP D 110 -5.40 6.91 -19.78
N LEU D 111 -5.04 7.93 -20.54
CA LEU D 111 -4.84 9.25 -19.98
C LEU D 111 -6.14 9.80 -19.39
N MET D 112 -7.26 9.62 -20.09
CA MET D 112 -8.54 10.07 -19.56
C MET D 112 -9.03 9.26 -18.37
N LEU D 113 -8.76 7.95 -18.35
CA LEU D 113 -9.15 7.12 -17.21
C LEU D 113 -8.46 7.55 -15.93
N ASN D 114 -7.16 7.79 -16.04
CA ASN D 114 -6.31 8.17 -14.91
C ASN D 114 -6.23 9.67 -14.63
N GLU D 115 -6.84 10.49 -15.48
CA GLU D 115 -6.97 11.91 -15.19
C GLU D 115 -7.94 12.14 -14.05
N LYS E 5 -9.78 10.25 24.58
CA LYS E 5 -8.62 9.79 23.75
C LYS E 5 -8.11 10.99 22.95
N ASN E 6 -8.97 11.60 22.16
CA ASN E 6 -8.58 12.76 21.34
C ASN E 6 -8.16 13.90 22.29
N ASN E 7 -8.84 14.11 23.37
CA ASN E 7 -8.37 15.21 24.27
C ASN E 7 -7.03 14.78 24.89
N ILE E 8 -6.71 13.50 24.84
CA ILE E 8 -5.41 13.08 25.36
C ILE E 8 -4.32 13.13 24.29
N PHE E 9 -4.66 12.82 23.04
CA PHE E 9 -3.67 12.89 21.96
C PHE E 9 -3.14 14.31 21.79
N ASN E 10 -4.02 15.29 22.04
CA ASN E 10 -3.67 16.68 21.91
C ASN E 10 -2.66 17.14 22.97
N LYS E 11 -2.44 16.32 24.00
CA LYS E 11 -1.40 16.63 24.96
C LYS E 11 -0.02 16.36 24.36
N TYR E 12 0.01 15.51 23.33
CA TYR E 12 1.26 15.20 22.65
C TYR E 12 1.69 16.19 21.55
N PRO E 13 2.99 16.26 21.27
CA PRO E 13 3.44 17.00 20.10
C PRO E 13 2.97 16.29 18.82
N THR E 14 2.84 17.05 17.74
CA THR E 14 2.28 16.53 16.50
C THR E 14 3.07 15.39 15.89
N ILE E 15 4.39 15.55 15.84
CA ILE E 15 5.25 14.54 15.23
C ILE E 15 6.28 14.01 16.22
N ILE E 16 6.27 12.70 16.42
CA ILE E 16 7.25 12.04 17.28
C ILE E 16 8.14 11.11 16.48
N HIS E 17 9.45 11.30 16.61
CA HIS E 17 10.43 10.49 15.89
C HIS E 17 10.98 9.41 16.81
N GLY E 18 11.00 8.18 16.35
CA GLY E 18 11.33 7.07 17.21
C GLY E 18 12.46 6.20 16.73
N GLU E 19 13.05 5.48 17.68
CA GLU E 19 14.14 4.55 17.42
C GLU E 19 13.93 3.32 18.30
N ALA E 20 14.57 2.22 17.95
CA ALA E 20 14.54 1.03 18.78
C ALA E 20 15.92 0.36 18.81
N ARG E 21 16.25 -0.31 19.90
CA ARG E 21 17.55 -0.97 20.00
C ARG E 21 17.63 -2.11 18.99
N GLY E 22 18.79 -2.23 18.35
CA GLY E 22 19.04 -3.28 17.38
C GLY E 22 18.38 -3.10 16.03
N GLU E 23 17.79 -1.93 15.80
CA GLU E 23 17.05 -1.68 14.57
C GLU E 23 17.67 -0.53 13.78
N ASN E 24 17.95 -0.74 12.49
CA ASN E 24 18.44 0.32 11.62
C ASN E 24 17.33 1.26 11.18
N ASP E 25 16.15 0.71 10.93
CA ASP E 25 15.01 1.54 10.56
C ASP E 25 14.59 2.39 11.75
N GLU E 26 13.94 3.51 11.46
CA GLU E 26 13.40 4.36 12.50
C GLU E 26 11.87 4.35 12.44
N PHE E 27 11.24 5.18 13.28
CA PHE E 27 9.80 5.12 13.42
C PHE E 27 9.22 6.49 13.63
N VAL E 28 7.91 6.61 13.40
CA VAL E 28 7.24 7.88 13.58
C VAL E 28 5.83 7.70 14.11
N VAL E 29 5.40 8.63 14.96
CA VAL E 29 4.02 8.71 15.37
C VAL E 29 3.47 10.07 15.01
N HIS E 30 2.33 10.08 14.33
CA HIS E 30 1.63 11.30 14.00
C HIS E 30 0.41 11.38 14.91
N THR E 31 0.32 12.45 15.70
CA THR E 31 -0.70 12.51 16.74
C THR E 31 -1.87 13.44 16.44
N ARG E 32 -1.90 14.00 15.24
CA ARG E 32 -3.07 14.72 14.77
C ARG E 32 -3.72 13.91 13.66
N TYR E 33 -4.95 14.26 13.29
CA TYR E 33 -5.65 13.53 12.24
C TYR E 33 -4.97 13.70 10.89
N PRO E 34 -4.74 12.58 10.18
CA PRO E 34 -5.03 11.23 10.66
C PRO E 34 -3.90 10.66 11.51
N ARG E 35 -4.24 10.04 12.63
CA ARG E 35 -3.22 9.58 13.57
C ARG E 35 -2.70 8.22 13.21
N PHE E 36 -1.38 8.05 13.26
CA PHE E 36 -0.81 6.76 12.92
C PHE E 36 0.58 6.52 13.48
N LEU E 37 0.93 5.25 13.51
CA LEU E 37 2.29 4.79 13.75
C LEU E 37 2.82 4.28 12.42
N ALA E 38 4.08 4.61 12.09
CA ALA E 38 4.65 4.13 10.85
C ALA E 38 6.12 3.80 11.00
N ARG E 39 6.61 3.03 10.07
CA ARG E 39 8.04 2.66 10.03
C ARG E 39 8.70 3.62 9.07
N LYS E 40 9.80 4.20 9.48
CA LYS E 40 10.56 5.16 8.67
C LYS E 40 11.81 4.45 8.17
N SER E 41 11.98 4.33 6.88
CA SER E 41 13.17 3.71 6.34
C SER E 41 13.78 4.55 5.24
N PHE E 42 15.02 4.25 4.87
CA PHE E 42 15.73 5.09 3.91
C PHE E 42 16.35 4.21 2.83
N ASP E 43 16.19 4.61 1.58
CA ASP E 43 16.92 3.95 0.50
C ASP E 43 18.27 4.64 0.41
N ASP E 44 19.18 4.08 -0.37
CA ASP E 44 20.55 4.59 -0.45
C ASP E 44 20.78 5.86 -1.27
N ASN E 45 19.75 6.39 -1.91
CA ASN E 45 19.94 7.66 -2.59
C ASN E 45 19.43 8.79 -1.69
N PHE E 46 19.15 8.43 -0.44
CA PHE E 46 18.87 9.40 0.61
C PHE E 46 20.15 10.14 0.96
N THR E 47 20.13 11.47 0.92
CA THR E 47 21.32 12.22 1.28
C THR E 47 21.08 13.01 2.55
N GLY E 48 19.81 13.35 2.76
CA GLY E 48 19.42 14.09 3.95
C GLY E 48 19.62 15.59 3.90
N GLU E 49 20.08 16.09 2.75
CA GLU E 49 20.30 17.52 2.56
C GLU E 49 18.94 18.19 2.37
N MET E 50 18.84 19.47 2.74
CA MET E 50 17.56 20.17 2.65
C MET E 50 17.27 20.45 1.20
N PRO E 51 16.05 20.14 0.72
CA PRO E 51 15.75 20.29 -0.70
C PRO E 51 15.39 21.73 -1.09
N ALA E 52 15.63 22.08 -2.34
CA ALA E 52 15.30 23.41 -2.85
C ALA E 52 13.78 23.60 -2.87
N LYS E 53 13.08 22.56 -3.27
CA LYS E 53 11.62 22.54 -3.34
C LYS E 53 11.00 22.07 -2.03
N PRO E 54 9.72 22.44 -1.81
CA PRO E 54 9.01 21.88 -0.66
C PRO E 54 8.86 20.37 -0.85
N VAL E 55 8.71 19.61 0.23
CA VAL E 55 8.57 18.16 0.11
C VAL E 55 7.26 17.80 -0.60
N ASN E 56 7.36 16.97 -1.63
CA ASN E 56 6.18 16.51 -2.35
C ASN E 56 6.26 15.02 -2.64
N GLY E 57 5.70 14.21 -1.75
CA GLY E 57 5.87 12.77 -1.86
C GLY E 57 4.67 12.13 -2.52
N GLU E 58 4.71 10.82 -2.67
CA GLU E 58 3.59 10.07 -3.24
C GLU E 58 3.18 8.88 -2.40
N LEU E 59 1.88 8.62 -2.40
CA LEU E 59 1.28 7.50 -1.71
C LEU E 59 1.04 6.39 -2.74
N GLY E 60 1.40 5.17 -2.41
CA GLY E 60 1.26 4.06 -3.35
C GLY E 60 1.03 2.73 -2.68
N GLN E 61 0.66 1.73 -3.42
CA GLN E 61 0.41 0.38 -2.86
C GLN E 61 1.58 -0.49 -3.28
N ILE E 62 2.25 -1.16 -2.37
CA ILE E 62 3.47 -1.89 -2.81
C ILE E 62 3.77 -3.12 -1.97
N GLY E 63 4.61 -4.00 -2.49
CA GLY E 63 5.14 -5.18 -1.78
C GLY E 63 4.22 -6.38 -1.75
N GLU E 64 4.69 -7.49 -1.20
CA GLU E 64 3.83 -8.68 -1.06
C GLU E 64 3.69 -8.97 0.44
N PRO E 65 2.45 -9.05 0.94
CA PRO E 65 1.17 -8.64 0.35
C PRO E 65 1.10 -7.13 0.17
N ARG E 66 0.31 -6.62 -0.76
CA ARG E 66 0.33 -5.16 -1.01
C ARG E 66 -0.08 -4.41 0.25
N ARG E 67 0.62 -3.34 0.53
CA ARG E 67 0.33 -2.45 1.67
C ARG E 67 0.55 -1.00 1.23
N LEU E 68 -0.01 -0.08 1.97
CA LEU E 68 0.12 1.36 1.73
C LEU E 68 1.55 1.80 2.05
N ALA E 69 2.13 2.63 1.24
CA ALA E 69 3.46 3.18 1.51
C ALA E 69 3.59 4.59 0.96
N TYR E 70 4.52 5.35 1.56
CA TYR E 70 4.76 6.72 1.17
C TYR E 70 6.21 6.92 0.77
N ASP E 71 6.41 7.55 -0.37
CA ASP E 71 7.76 7.87 -0.84
C ASP E 71 7.94 9.38 -0.87
N SER E 72 8.83 9.88 -0.02
CA SER E 72 9.12 11.31 0.05
C SER E 72 9.75 11.84 -1.25
N ARG E 73 10.38 10.93 -2.00
CA ARG E 73 11.15 11.25 -3.21
C ARG E 73 12.48 11.90 -2.83
N LEU E 74 12.78 11.90 -1.54
CA LEU E 74 14.07 12.35 -1.04
C LEU E 74 14.84 11.21 -0.39
N GLY E 75 14.33 10.00 -0.53
CA GLY E 75 14.99 8.82 0.02
C GLY E 75 14.35 8.29 1.28
N LEU E 76 13.39 9.03 1.83
CA LEU E 76 12.70 8.59 3.04
C LEU E 76 11.37 7.92 2.68
N TRP E 77 11.11 6.76 3.30
CA TRP E 77 9.86 6.04 3.09
C TRP E 77 9.10 5.89 4.39
N LEU E 78 7.77 5.92 4.30
CA LEU E 78 6.93 5.55 5.43
C LEU E 78 6.07 4.37 5.00
N SER E 79 6.00 3.35 5.86
CA SER E 79 5.27 2.12 5.56
C SER E 79 4.76 1.46 6.85
N ASP E 80 4.06 0.35 6.69
CA ASP E 80 3.48 -0.41 7.79
C ASP E 80 2.58 0.47 8.65
N PHE E 81 1.80 1.32 8.00
CA PHE E 81 0.89 2.24 8.69
C PHE E 81 -0.09 1.52 9.61
N ILE E 82 -0.21 2.03 10.83
CA ILE E 82 -1.28 1.62 11.73
C ILE E 82 -2.08 2.84 12.15
N MET E 83 -3.31 2.94 11.68
CA MET E 83 -4.16 4.07 12.06
C MET E 83 -4.59 3.95 13.50
N LEU E 84 -4.49 5.05 14.23
CA LEU E 84 -4.81 5.07 15.66
C LEU E 84 -6.18 5.69 15.88
N ASP E 85 -6.80 6.14 14.80
CA ASP E 85 -8.17 6.62 14.86
C ASP E 85 -9.06 5.46 14.48
N ASN E 86 -10.04 5.25 15.35
CA ASN E 86 -11.14 4.26 15.21
C ASN E 86 -12.04 4.71 14.05
N ASN E 87 -12.07 6.00 13.85
CA ASN E 87 -12.89 6.63 12.79
C ASN E 87 -12.41 6.16 11.41
N LYS E 88 -13.32 5.90 10.49
CA LYS E 88 -12.94 5.58 9.09
C LYS E 88 -13.57 6.68 8.22
N PRO E 89 -12.80 7.32 7.39
CA PRO E 89 -13.30 8.44 6.58
C PRO E 89 -14.31 8.01 5.51
N LYS E 90 -15.43 8.70 5.38
CA LYS E 90 -16.39 8.27 4.33
C LYS E 90 -15.76 8.48 2.95
N ASN E 91 -15.15 9.63 2.74
CA ASN E 91 -14.52 9.96 1.46
C ASN E 91 -13.07 9.52 1.44
N MET E 92 -12.75 8.68 0.46
CA MET E 92 -11.42 8.10 0.35
C MET E 92 -10.34 9.03 -0.19
N GLU E 93 -10.71 9.88 -1.15
CA GLU E 93 -9.74 10.82 -1.72
C GLU E 93 -9.24 11.87 -0.72
N ASP E 94 -10.10 12.34 0.17
CA ASP E 94 -9.69 13.45 1.04
C ASP E 94 -8.91 12.91 2.23
N TRP E 95 -9.10 11.63 2.54
CA TRP E 95 -8.29 10.96 3.55
C TRP E 95 -6.88 10.75 3.05
N LEU E 96 -6.78 10.26 1.81
CA LEU E 96 -5.49 10.02 1.19
C LEU E 96 -4.73 11.33 1.03
N GLY E 97 -5.47 12.40 0.73
CA GLY E 97 -4.85 13.71 0.60
C GLY E 97 -4.30 14.17 1.94
N GLN E 98 -5.08 13.94 3.00
CA GLN E 98 -4.68 14.30 4.35
C GLN E 98 -3.54 13.43 4.88
N LEU E 99 -3.57 12.13 4.57
CA LEU E 99 -2.48 11.25 4.96
C LEU E 99 -1.18 11.68 4.29
N LYS E 100 -1.27 12.00 3.00
CA LYS E 100 -0.11 12.39 2.22
C LYS E 100 0.46 13.70 2.74
N ALA E 101 -0.42 14.63 3.10
CA ALA E 101 -0.01 15.92 3.62
C ALA E 101 0.76 15.74 4.94
N ALA E 102 0.27 14.84 5.78
CA ALA E 102 0.94 14.52 7.05
C ALA E 102 2.31 13.88 6.82
N CYS E 103 2.37 12.97 5.85
CA CYS E 103 3.63 12.32 5.53
C CYS E 103 4.68 13.33 5.05
N ASP E 104 4.24 14.30 4.24
CA ASP E 104 5.13 15.36 3.77
C ASP E 104 5.66 16.21 4.93
N ARG E 105 4.78 16.52 5.87
CA ARG E 105 5.18 17.34 7.01
C ARG E 105 6.23 16.56 7.83
N ILE E 106 6.01 15.27 7.97
CA ILE E 106 6.92 14.38 8.69
C ILE E 106 8.29 14.28 8.00
N ALA E 107 8.28 14.17 6.67
CA ALA E 107 9.54 14.11 5.93
C ALA E 107 10.29 15.41 6.15
N ALA E 108 9.55 16.53 6.13
CA ALA E 108 10.15 17.83 6.34
C ALA E 108 10.70 17.95 7.75
N ASP E 109 9.95 17.47 8.73
CA ASP E 109 10.40 17.54 10.11
C ASP E 109 11.64 16.69 10.34
N ASP E 110 11.71 15.55 9.65
CA ASP E 110 12.87 14.67 9.76
C ASP E 110 14.12 15.35 9.21
N LEU E 111 13.95 16.09 8.11
CA LEU E 111 15.05 16.84 7.52
C LEU E 111 15.61 17.89 8.49
N MET E 112 14.70 18.53 9.22
CA MET E 112 15.08 19.52 10.22
C MET E 112 15.82 18.84 11.36
N LEU E 113 15.46 17.60 11.60
CA LEU E 113 16.08 16.78 12.63
C LEU E 113 17.57 16.57 12.36
N ASN E 114 17.93 16.34 11.10
CA ASN E 114 19.32 16.10 10.72
C ASN E 114 20.12 17.36 10.46
N GLU E 115 19.42 18.48 10.31
CA GLU E 115 20.10 19.76 10.26
C GLU E 115 20.43 20.15 11.71
N ASP E 116 19.82 19.44 12.65
CA ASP E 116 20.05 19.73 14.06
C ASP E 116 21.38 19.08 14.39
N ALA E 117 21.59 17.92 13.78
CA ALA E 117 22.81 17.13 13.96
C ALA E 117 23.89 17.51 12.94
N ALA E 118 23.59 18.50 12.09
CA ALA E 118 24.47 18.84 10.97
C ALA E 118 25.77 19.42 11.51
N ASP E 119 25.69 19.90 12.75
CA ASP E 119 26.80 20.54 13.43
C ASP E 119 27.94 19.54 13.59
N LEU E 120 27.59 18.33 14.01
CA LEU E 120 28.57 17.29 14.25
C LEU E 120 28.81 16.45 12.99
N SER F 1 4.05 16.44 40.94
CA SER F 1 3.53 15.31 40.20
C SER F 1 4.62 14.62 39.41
N VAL F 2 4.30 14.34 38.14
CA VAL F 2 5.26 13.79 37.20
C VAL F 2 6.21 14.90 36.79
N PRO F 3 7.52 14.66 36.85
CA PRO F 3 8.49 15.72 36.56
C PRO F 3 8.49 16.14 35.10
N LYS F 4 8.87 17.38 34.87
CA LYS F 4 9.17 17.87 33.53
C LYS F 4 10.67 17.89 33.38
N THR F 5 11.16 17.25 32.32
CA THR F 5 12.60 17.06 32.13
C THR F 5 13.34 18.39 31.98
N GLY F 6 14.38 18.57 32.78
CA GLY F 6 15.14 19.81 32.77
C GLY F 6 16.04 20.01 31.56
N ASP F 7 16.43 21.26 31.32
CA ASP F 7 17.23 21.63 30.17
C ASP F 7 18.57 20.91 30.11
N SER F 8 19.22 20.77 31.26
CA SER F 8 20.56 20.20 31.28
C SER F 8 20.57 18.73 30.86
N LEU F 9 19.64 17.96 31.41
CA LEU F 9 19.52 16.56 31.03
C LEU F 9 19.13 16.44 29.57
N ALA F 10 18.22 17.32 29.14
CA ALA F 10 17.72 17.29 27.77
C ALA F 10 18.82 17.57 26.74
N MET F 11 19.70 18.52 27.04
CA MET F 11 20.75 18.89 26.09
C MET F 11 21.76 17.76 25.90
N ALA F 12 22.10 17.06 26.98
CA ALA F 12 23.02 15.94 26.88
C ALA F 12 22.41 14.75 26.16
N ARG F 13 21.16 14.42 26.51
CA ARG F 13 20.47 13.30 25.91
C ARG F 13 20.19 13.52 24.42
N ARG F 14 19.92 14.76 24.05
CA ARG F 14 19.67 15.12 22.66
C ARG F 14 20.90 14.87 21.78
N LEU F 15 22.07 15.23 22.25
CA LEU F 15 23.34 15.00 21.51
C LEU F 15 23.59 13.50 21.36
N ALA F 16 23.39 12.71 22.39
CA ALA F 16 23.61 11.26 22.32
C ALA F 16 22.65 10.65 21.30
N ARG F 17 21.42 11.10 21.28
CA ARG F 17 20.41 10.69 20.29
C ARG F 17 20.89 11.13 18.91
N SER F 18 21.46 12.31 18.77
CA SER F 18 22.00 12.77 17.47
C SER F 18 23.15 11.86 16.99
N VAL F 19 24.02 11.47 17.86
CA VAL F 19 25.15 10.58 17.49
C VAL F 19 24.61 9.21 17.07
N ARG F 20 23.65 8.66 17.77
CA ARG F 20 23.11 7.34 17.38
C ARG F 20 22.43 7.44 16.02
N ARG F 21 21.69 8.50 15.76
CA ARG F 21 20.96 8.67 14.49
C ARG F 21 21.95 8.77 13.33
N LEU F 22 23.02 9.52 13.47
CA LEU F 22 24.05 9.64 12.42
C LEU F 22 24.75 8.29 12.22
N THR F 23 25.05 7.60 13.30
CA THR F 23 25.69 6.28 13.20
C THR F 23 24.74 5.32 12.49
N ARG F 24 23.45 5.37 12.80
CA ARG F 24 22.44 4.49 12.18
C ARG F 24 22.33 4.79 10.69
N ARG F 25 22.30 6.04 10.32
CA ARG F 25 22.18 6.41 8.89
C ARG F 25 23.46 6.05 8.14
N ARG F 26 24.58 5.96 8.82
CA ARG F 26 25.82 5.69 8.14
C ARG F 26 25.89 4.22 7.82
N ALA F 27 25.41 3.38 8.71
CA ALA F 27 25.38 1.95 8.47
C ALA F 27 24.49 1.65 7.27
N HIS F 28 23.73 2.65 6.86
CA HIS F 28 22.93 2.53 5.66
C HIS F 28 23.86 2.31 4.46
#